data_1V77
#
_entry.id   1V77
#
_cell.length_a   46.853
_cell.length_b   46.853
_cell.length_c   218.752
_cell.angle_alpha   90.00
_cell.angle_beta   90.00
_cell.angle_gamma   90.00
#
_symmetry.space_group_name_H-M   'P 43 21 2'
#
loop_
_entity.id
_entity.type
_entity.pdbx_description
1 polymer 'hypothetical protein PH1877'
2 water water
#
_entity_poly.entity_id   1
_entity_poly.type   'polypeptide(L)'
_entity_poly.pdbx_seq_one_letter_code
;MVGGGGVKFIEMDIRDKEAYELAKEWFDEVVVSIKFNEEVDKEKLREARKEYGKVAILLSNPKPSLVRDTVQKFKSYLIY
VESNDLRVIRYSIEKGVDAIISPWVNRKDPGIDHVLAKLMVKKNVALGFSLRPLLYSNPYERANLLRFMMKAWKLVEKYK
VRRFLTSSAQEKWDVRYPRDLISLGVVIGMEIPQAKASISMYPEIILKRLKY
;
_entity_poly.pdbx_strand_id   A
#
# COMPACT_ATOMS: atom_id res chain seq x y z
N VAL A 7 -20.58 -4.54 6.11
CA VAL A 7 -19.38 -4.37 5.22
C VAL A 7 -18.15 -4.99 5.85
N LYS A 8 -17.29 -5.58 5.03
CA LYS A 8 -16.06 -6.19 5.55
C LYS A 8 -14.86 -5.29 5.30
N PHE A 9 -14.29 -4.76 6.38
CA PHE A 9 -13.14 -3.88 6.27
C PHE A 9 -11.87 -4.70 6.30
N ILE A 10 -10.89 -4.27 5.51
CA ILE A 10 -9.62 -4.99 5.41
C ILE A 10 -8.42 -4.06 5.54
N GLU A 11 -7.41 -4.50 6.31
CA GLU A 11 -6.18 -3.72 6.48
C GLU A 11 -5.16 -4.45 5.61
N MET A 12 -4.83 -3.84 4.48
CA MET A 12 -3.91 -4.42 3.51
C MET A 12 -2.41 -4.36 3.81
N ASP A 13 -2.01 -3.59 4.83
CA ASP A 13 -0.60 -3.42 5.08
C ASP A 13 -0.21 -3.16 6.54
N ILE A 14 0.03 -4.22 7.30
CA ILE A 14 0.47 -4.11 8.70
C ILE A 14 1.88 -4.68 8.73
N ARG A 15 2.82 -3.94 9.32
CA ARG A 15 4.22 -4.37 9.34
C ARG A 15 4.84 -4.67 10.71
N ASP A 16 4.00 -4.98 11.68
CA ASP A 16 4.50 -5.26 13.03
C ASP A 16 3.58 -6.27 13.70
N LYS A 17 4.17 -7.19 14.46
CA LYS A 17 3.40 -8.23 15.14
C LYS A 17 2.35 -7.72 16.13
N GLU A 18 2.72 -6.75 16.96
CA GLU A 18 1.78 -6.22 17.93
C GLU A 18 0.69 -5.38 17.26
N ALA A 19 1.05 -4.72 16.16
CA ALA A 19 0.09 -3.93 15.41
C ALA A 19 -0.90 -4.91 14.77
N TYR A 20 -0.37 -6.04 14.30
CA TYR A 20 -1.20 -7.05 13.68
C TYR A 20 -2.25 -7.57 14.64
N GLU A 21 -1.83 -7.90 15.87
CA GLU A 21 -2.78 -8.44 16.85
C GLU A 21 -3.90 -7.43 17.14
N LEU A 22 -3.56 -6.15 17.18
CA LEU A 22 -4.58 -5.13 17.44
C LEU A 22 -5.51 -4.95 16.24
N ALA A 23 -4.92 -4.85 15.04
CA ALA A 23 -5.70 -4.68 13.83
C ALA A 23 -6.68 -5.85 13.65
N LYS A 24 -6.26 -7.04 14.07
CA LYS A 24 -7.14 -8.21 13.95
C LYS A 24 -8.42 -8.06 14.77
N GLU A 25 -8.39 -7.19 15.78
CA GLU A 25 -9.57 -6.97 16.60
C GLU A 25 -10.53 -6.00 15.91
N TRP A 26 -10.01 -5.26 14.94
CA TRP A 26 -10.80 -4.23 14.27
C TRP A 26 -11.15 -4.39 12.80
N PHE A 27 -10.56 -5.37 12.13
CA PHE A 27 -10.83 -5.60 10.71
C PHE A 27 -11.19 -7.06 10.47
N ASP A 28 -11.94 -7.31 9.39
CA ASP A 28 -12.33 -8.66 9.02
C ASP A 28 -11.12 -9.46 8.56
N GLU A 29 -10.19 -8.75 7.90
CA GLU A 29 -8.99 -9.38 7.40
C GLU A 29 -7.82 -8.42 7.50
N VAL A 30 -6.66 -8.96 7.85
CA VAL A 30 -5.44 -8.17 7.99
C VAL A 30 -4.33 -8.85 7.21
N VAL A 31 -3.65 -8.09 6.36
CA VAL A 31 -2.55 -8.62 5.57
C VAL A 31 -1.25 -8.11 6.21
N VAL A 32 -0.30 -9.00 6.44
CA VAL A 32 0.97 -8.60 7.03
C VAL A 32 2.02 -8.50 5.93
N SER A 33 2.71 -7.37 5.88
CA SER A 33 3.75 -7.14 4.88
C SER A 33 5.12 -7.50 5.43
N ILE A 34 5.83 -8.36 4.72
CA ILE A 34 7.17 -8.76 5.14
C ILE A 34 8.16 -8.04 4.23
N LYS A 35 8.97 -7.17 4.80
CA LYS A 35 9.93 -6.39 4.03
C LYS A 35 11.19 -7.14 3.64
N PHE A 36 11.63 -6.91 2.39
CA PHE A 36 12.85 -7.50 1.85
C PHE A 36 13.50 -6.41 0.99
N ASN A 37 14.83 -6.37 0.96
CA ASN A 37 15.51 -5.36 0.16
C ASN A 37 16.42 -5.94 -0.93
N GLU A 38 17.07 -7.06 -0.62
CA GLU A 38 18.00 -7.68 -1.57
C GLU A 38 17.50 -9.00 -2.16
N GLU A 39 16.97 -9.88 -1.32
CA GLU A 39 16.46 -11.16 -1.78
C GLU A 39 15.25 -11.56 -0.96
N VAL A 40 14.32 -12.24 -1.61
CA VAL A 40 13.11 -12.70 -0.93
C VAL A 40 13.36 -14.10 -0.42
N ASP A 41 13.21 -14.26 0.89
CA ASP A 41 13.43 -15.53 1.57
C ASP A 41 12.17 -16.39 1.64
N LYS A 42 12.18 -17.50 0.90
CA LYS A 42 11.04 -18.40 0.85
C LYS A 42 10.64 -18.97 2.20
N GLU A 43 11.64 -19.27 3.02
CA GLU A 43 11.37 -19.82 4.35
C GLU A 43 10.77 -18.80 5.30
N LYS A 44 11.28 -17.57 5.27
CA LYS A 44 10.75 -16.52 6.12
C LYS A 44 9.28 -16.28 5.79
N LEU A 45 8.93 -16.43 4.52
CA LEU A 45 7.55 -16.25 4.06
C LEU A 45 6.70 -17.46 4.40
N ARG A 46 7.19 -18.65 4.05
CA ARG A 46 6.49 -19.90 4.28
C ARG A 46 5.83 -20.01 5.65
N GLU A 47 6.58 -19.67 6.70
CA GLU A 47 6.05 -19.74 8.04
C GLU A 47 4.95 -18.70 8.25
N ALA A 48 5.18 -17.50 7.71
CA ALA A 48 4.21 -16.43 7.83
C ALA A 48 2.85 -16.89 7.30
N ARG A 49 2.86 -17.56 6.17
CA ARG A 49 1.61 -18.04 5.58
C ARG A 49 0.82 -18.95 6.51
N LYS A 50 1.45 -20.04 6.94
CA LYS A 50 0.79 -20.97 7.84
C LYS A 50 0.30 -20.22 9.08
N GLU A 51 1.19 -19.40 9.64
CA GLU A 51 0.89 -18.62 10.84
C GLU A 51 -0.21 -17.56 10.60
N TYR A 52 0.19 -16.46 9.95
CA TYR A 52 -0.72 -15.34 9.66
C TYR A 52 -1.76 -15.62 8.59
N GLY A 53 -1.44 -16.48 7.63
CA GLY A 53 -2.37 -16.79 6.57
C GLY A 53 -2.12 -15.91 5.35
N LYS A 54 -2.45 -14.63 5.47
CA LYS A 54 -2.25 -13.68 4.37
C LYS A 54 -1.05 -12.79 4.62
N VAL A 55 -0.05 -12.92 3.77
CA VAL A 55 1.17 -12.12 3.88
C VAL A 55 1.55 -11.59 2.50
N ALA A 56 2.02 -10.35 2.49
CA ALA A 56 2.43 -9.74 1.24
C ALA A 56 3.94 -9.55 1.26
N ILE A 57 4.55 -9.65 0.10
CA ILE A 57 5.99 -9.45 -0.02
C ILE A 57 6.18 -7.96 -0.28
N LEU A 58 6.82 -7.26 0.64
CA LEU A 58 7.08 -5.84 0.48
C LEU A 58 8.51 -5.57 0.07
N LEU A 59 8.69 -5.18 -1.20
CA LEU A 59 10.01 -4.87 -1.71
C LEU A 59 10.27 -3.39 -1.45
N SER A 60 11.34 -3.11 -0.70
CA SER A 60 11.70 -1.73 -0.36
C SER A 60 12.89 -1.27 -1.18
N ASN A 61 12.67 -0.24 -2.01
CA ASN A 61 13.72 0.29 -2.88
C ASN A 61 14.47 -0.84 -3.59
N PRO A 62 13.73 -1.75 -4.24
CA PRO A 62 14.35 -2.88 -4.94
C PRO A 62 14.94 -2.48 -6.29
N LYS A 63 15.81 -3.33 -6.81
CA LYS A 63 16.40 -3.09 -8.12
C LYS A 63 15.42 -3.75 -9.06
N PRO A 64 15.42 -3.36 -10.35
CA PRO A 64 14.48 -3.99 -11.27
C PRO A 64 14.56 -5.52 -11.27
N SER A 65 15.78 -6.06 -11.25
CA SER A 65 15.97 -7.51 -11.26
C SER A 65 15.24 -8.23 -10.12
N LEU A 66 15.23 -7.61 -8.94
CA LEU A 66 14.55 -8.21 -7.79
C LEU A 66 13.05 -8.23 -8.04
N VAL A 67 12.51 -7.15 -8.59
CA VAL A 67 11.10 -7.07 -8.88
C VAL A 67 10.67 -8.14 -9.89
N ARG A 68 11.44 -8.28 -10.96
CA ARG A 68 11.14 -9.27 -12.00
C ARG A 68 11.11 -10.69 -11.43
N ASP A 69 12.16 -11.03 -10.69
CA ASP A 69 12.28 -12.35 -10.09
C ASP A 69 11.12 -12.69 -9.17
N THR A 70 10.79 -11.75 -8.28
CA THR A 70 9.71 -11.96 -7.32
C THR A 70 8.36 -12.20 -7.97
N VAL A 71 8.00 -11.37 -8.94
CA VAL A 71 6.71 -11.54 -9.61
C VAL A 71 6.62 -12.87 -10.35
N GLN A 72 7.78 -13.44 -10.70
CA GLN A 72 7.82 -14.72 -11.41
C GLN A 72 7.74 -15.91 -10.44
N LYS A 73 8.63 -15.92 -9.45
CA LYS A 73 8.68 -16.99 -8.46
C LYS A 73 7.44 -17.13 -7.59
N PHE A 74 7.17 -16.11 -6.77
CA PHE A 74 6.05 -16.11 -5.85
C PHE A 74 4.75 -15.57 -6.45
N LYS A 75 4.04 -16.42 -7.17
CA LYS A 75 2.78 -16.04 -7.81
C LYS A 75 1.58 -16.06 -6.86
N SER A 76 1.68 -16.83 -5.78
CA SER A 76 0.57 -16.92 -4.83
C SER A 76 0.64 -15.83 -3.77
N TYR A 77 1.70 -15.03 -3.78
CA TYR A 77 1.88 -13.96 -2.81
C TYR A 77 1.61 -12.58 -3.40
N LEU A 78 1.02 -11.71 -2.58
CA LEU A 78 0.77 -10.34 -3.01
C LEU A 78 2.15 -9.71 -3.01
N ILE A 79 2.42 -8.84 -3.98
CA ILE A 79 3.71 -8.17 -4.06
C ILE A 79 3.48 -6.66 -4.03
N TYR A 80 4.08 -5.99 -3.05
CA TYR A 80 3.96 -4.55 -2.90
C TYR A 80 5.32 -3.93 -3.15
N VAL A 81 5.34 -2.74 -3.72
CA VAL A 81 6.60 -2.08 -3.94
C VAL A 81 6.58 -0.68 -3.37
N GLU A 82 7.62 -0.36 -2.60
CA GLU A 82 7.82 0.96 -2.04
C GLU A 82 9.17 1.40 -2.59
N SER A 83 9.16 2.48 -3.37
CA SER A 83 10.38 2.99 -3.96
C SER A 83 10.24 4.48 -4.23
N ASN A 84 11.35 5.20 -4.20
CA ASN A 84 11.34 6.63 -4.47
C ASN A 84 12.07 6.87 -5.78
N ASP A 85 12.28 5.79 -6.54
CA ASP A 85 12.95 5.85 -7.83
C ASP A 85 11.87 5.66 -8.90
N LEU A 86 11.59 6.71 -9.65
CA LEU A 86 10.55 6.65 -10.68
C LEU A 86 10.75 5.52 -11.68
N ARG A 87 12.00 5.19 -11.99
CA ARG A 87 12.29 4.11 -12.92
C ARG A 87 11.80 2.77 -12.38
N VAL A 88 12.02 2.57 -11.08
CA VAL A 88 11.60 1.33 -10.43
C VAL A 88 10.08 1.26 -10.28
N ILE A 89 9.48 2.41 -9.97
CA ILE A 89 8.03 2.46 -9.83
C ILE A 89 7.37 2.10 -11.16
N ARG A 90 7.81 2.74 -12.23
CA ARG A 90 7.25 2.48 -13.56
C ARG A 90 7.42 1.01 -13.92
N TYR A 91 8.62 0.49 -13.72
CA TYR A 91 8.91 -0.90 -14.04
C TYR A 91 8.07 -1.89 -13.24
N SER A 92 7.89 -1.60 -11.95
CA SER A 92 7.09 -2.49 -11.11
C SER A 92 5.67 -2.54 -11.64
N ILE A 93 5.17 -1.38 -12.07
CA ILE A 93 3.82 -1.31 -12.61
C ILE A 93 3.73 -2.18 -13.88
N GLU A 94 4.75 -2.06 -14.74
CA GLU A 94 4.79 -2.85 -15.98
C GLU A 94 4.89 -4.34 -15.70
N LYS A 95 5.55 -4.71 -14.61
CA LYS A 95 5.72 -6.10 -14.23
C LYS A 95 4.45 -6.65 -13.58
N GLY A 96 3.50 -5.77 -13.29
CA GLY A 96 2.24 -6.19 -12.71
C GLY A 96 2.23 -6.52 -11.23
N VAL A 97 2.99 -5.79 -10.43
CA VAL A 97 2.98 -6.04 -8.98
C VAL A 97 1.57 -5.70 -8.53
N ASP A 98 1.20 -6.10 -7.32
CA ASP A 98 -0.16 -5.83 -6.87
C ASP A 98 -0.37 -4.39 -6.41
N ALA A 99 0.65 -3.79 -5.81
CA ALA A 99 0.52 -2.42 -5.34
C ALA A 99 1.80 -1.64 -5.20
N ILE A 100 1.67 -0.33 -5.41
CA ILE A 100 2.76 0.63 -5.27
C ILE A 100 2.32 1.36 -4.02
N ILE A 101 3.17 1.40 -3.00
CA ILE A 101 2.76 2.06 -1.77
C ILE A 101 3.45 3.40 -1.50
N SER A 102 2.63 4.42 -1.29
CA SER A 102 3.07 5.78 -0.99
C SER A 102 4.34 6.21 -1.72
N PRO A 103 4.31 6.25 -3.06
CA PRO A 103 5.47 6.66 -3.85
C PRO A 103 5.95 8.10 -3.64
N TRP A 104 5.13 8.92 -2.98
CA TRP A 104 5.49 10.31 -2.71
C TRP A 104 6.47 10.48 -1.56
N VAL A 105 6.60 9.43 -0.74
CA VAL A 105 7.52 9.49 0.39
C VAL A 105 8.95 9.64 -0.12
N ASN A 106 9.68 10.59 0.46
CA ASN A 106 11.06 10.84 0.06
C ASN A 106 11.20 11.37 -1.38
N ARG A 107 10.15 12.02 -1.87
CA ARG A 107 10.14 12.62 -3.20
C ARG A 107 9.64 14.05 -3.08
N LYS A 108 9.73 14.80 -4.17
CA LYS A 108 9.27 16.18 -4.19
C LYS A 108 8.04 16.30 -5.09
N ASP A 109 7.37 15.17 -5.33
CA ASP A 109 6.18 15.13 -6.16
C ASP A 109 5.31 13.95 -5.74
N PRO A 110 4.09 13.85 -6.30
CA PRO A 110 3.19 12.74 -5.94
C PRO A 110 3.72 11.33 -6.23
N GLY A 111 4.75 11.23 -7.06
CA GLY A 111 5.29 9.92 -7.37
C GLY A 111 4.41 9.19 -8.37
N ILE A 112 3.44 9.92 -8.91
CA ILE A 112 2.51 9.38 -9.89
C ILE A 112 2.01 10.53 -10.74
N ASP A 113 1.79 10.26 -12.03
CA ASP A 113 1.29 11.29 -12.95
C ASP A 113 0.26 10.66 -13.90
N HIS A 114 -0.15 11.41 -14.92
CA HIS A 114 -1.14 10.90 -15.88
C HIS A 114 -0.71 9.60 -16.56
N VAL A 115 0.49 9.60 -17.12
CA VAL A 115 1.00 8.41 -17.82
C VAL A 115 1.04 7.20 -16.90
N LEU A 116 1.57 7.37 -15.69
CA LEU A 116 1.69 6.29 -14.73
C LEU A 116 0.32 5.80 -14.26
N ALA A 117 -0.61 6.72 -14.03
CA ALA A 117 -1.95 6.34 -13.58
C ALA A 117 -2.63 5.46 -14.62
N LYS A 118 -2.48 5.83 -15.90
CA LYS A 118 -3.08 5.05 -16.97
C LYS A 118 -2.49 3.65 -17.03
N LEU A 119 -1.18 3.55 -16.81
CA LEU A 119 -0.51 2.26 -16.86
C LEU A 119 -0.98 1.41 -15.69
N MET A 120 -1.15 2.03 -14.52
CA MET A 120 -1.63 1.30 -13.35
C MET A 120 -3.00 0.66 -13.59
N VAL A 121 -3.92 1.39 -14.21
CA VAL A 121 -5.25 0.82 -14.46
C VAL A 121 -5.16 -0.31 -15.48
N LYS A 122 -4.33 -0.14 -16.49
CA LYS A 122 -4.18 -1.16 -17.53
C LYS A 122 -3.56 -2.43 -16.97
N LYS A 123 -2.57 -2.26 -16.08
CA LYS A 123 -1.88 -3.41 -15.49
C LYS A 123 -2.49 -3.91 -14.18
N ASN A 124 -3.63 -3.35 -13.78
CA ASN A 124 -4.32 -3.73 -12.56
C ASN A 124 -3.43 -3.62 -11.32
N VAL A 125 -2.71 -2.51 -11.23
CA VAL A 125 -1.84 -2.25 -10.09
C VAL A 125 -2.53 -1.22 -9.21
N ALA A 126 -2.55 -1.45 -7.90
CA ALA A 126 -3.20 -0.53 -6.96
C ALA A 126 -2.23 0.46 -6.33
N LEU A 127 -2.78 1.58 -5.87
CA LEU A 127 -1.97 2.59 -5.20
C LEU A 127 -2.38 2.57 -3.74
N GLY A 128 -1.41 2.37 -2.85
CA GLY A 128 -1.71 2.34 -1.43
C GLY A 128 -1.35 3.66 -0.78
N PHE A 129 -2.31 4.24 -0.04
CA PHE A 129 -2.11 5.50 0.67
C PHE A 129 -1.84 5.18 2.14
N SER A 130 -0.61 5.44 2.59
CA SER A 130 -0.20 5.15 3.96
C SER A 130 -0.38 6.30 4.94
N LEU A 131 -0.92 5.98 6.11
CA LEU A 131 -1.13 6.97 7.15
C LEU A 131 0.16 7.23 7.93
N ARG A 132 0.95 6.17 8.15
CA ARG A 132 2.16 6.29 8.95
C ARG A 132 3.03 7.53 8.75
N PRO A 133 3.42 7.84 7.51
CA PRO A 133 4.25 9.03 7.28
C PRO A 133 3.71 10.30 7.91
N LEU A 134 2.39 10.47 7.86
CA LEU A 134 1.76 11.66 8.45
C LEU A 134 1.92 11.69 9.97
N LEU A 135 1.83 10.52 10.60
CA LEU A 135 1.94 10.42 12.05
C LEU A 135 3.35 10.70 12.58
N TYR A 136 4.37 10.29 11.82
CA TYR A 136 5.75 10.47 12.23
C TYR A 136 6.38 11.81 11.85
N SER A 137 5.71 12.56 10.97
CA SER A 137 6.24 13.84 10.53
C SER A 137 5.92 15.01 11.45
N ASN A 138 6.70 16.08 11.34
CA ASN A 138 6.43 17.27 12.13
C ASN A 138 5.35 18.03 11.37
N PRO A 139 4.87 19.17 11.91
CA PRO A 139 3.82 19.93 11.22
C PRO A 139 4.10 20.30 9.76
N TYR A 140 5.31 20.79 9.49
CA TYR A 140 5.67 21.19 8.13
C TYR A 140 5.73 20.03 7.14
N GLU A 141 6.42 18.96 7.52
CA GLU A 141 6.55 17.79 6.68
C GLU A 141 5.18 17.18 6.37
N ARG A 142 4.31 17.18 7.38
CA ARG A 142 2.96 16.62 7.23
C ARG A 142 2.18 17.38 6.16
N ALA A 143 2.30 18.70 6.18
CA ALA A 143 1.59 19.53 5.21
C ALA A 143 2.03 19.21 3.78
N ASN A 144 3.32 18.99 3.58
CA ASN A 144 3.83 18.68 2.24
C ASN A 144 3.36 17.30 1.81
N LEU A 145 3.40 16.34 2.74
CA LEU A 145 2.95 14.98 2.43
C LEU A 145 1.48 14.99 2.02
N LEU A 146 0.66 15.72 2.77
CA LEU A 146 -0.76 15.80 2.46
C LEU A 146 -1.01 16.35 1.05
N ARG A 147 -0.22 17.36 0.68
CA ARG A 147 -0.33 17.99 -0.64
C ARG A 147 -0.11 16.98 -1.75
N PHE A 148 0.94 16.17 -1.61
CA PHE A 148 1.28 15.15 -2.61
C PHE A 148 0.25 14.03 -2.61
N MET A 149 -0.23 13.66 -1.43
CA MET A 149 -1.24 12.61 -1.32
C MET A 149 -2.53 13.07 -2.00
N MET A 150 -2.88 14.34 -1.83
CA MET A 150 -4.09 14.87 -2.45
C MET A 150 -3.98 14.80 -3.96
N LYS A 151 -2.84 15.23 -4.50
CA LYS A 151 -2.61 15.21 -5.94
C LYS A 151 -2.64 13.78 -6.48
N ALA A 152 -2.12 12.83 -5.70
CA ALA A 152 -2.11 11.43 -6.12
C ALA A 152 -3.54 10.90 -6.16
N TRP A 153 -4.34 11.27 -5.17
CA TRP A 153 -5.73 10.85 -5.11
C TRP A 153 -6.53 11.35 -6.32
N LYS A 154 -6.37 12.62 -6.68
CA LYS A 154 -7.11 13.16 -7.81
C LYS A 154 -6.82 12.36 -9.08
N LEU A 155 -5.56 11.97 -9.26
CA LEU A 155 -5.15 11.18 -10.42
C LEU A 155 -5.73 9.77 -10.38
N VAL A 156 -5.67 9.15 -9.20
CA VAL A 156 -6.20 7.81 -9.01
C VAL A 156 -7.70 7.80 -9.29
N GLU A 157 -8.38 8.83 -8.82
CA GLU A 157 -9.83 8.96 -9.02
C GLU A 157 -10.14 9.20 -10.49
N LYS A 158 -9.41 10.13 -11.10
CA LYS A 158 -9.61 10.46 -12.50
C LYS A 158 -9.52 9.24 -13.41
N TYR A 159 -8.54 8.37 -13.17
CA TYR A 159 -8.38 7.21 -14.03
C TYR A 159 -8.90 5.88 -13.49
N LYS A 160 -9.61 5.92 -12.37
CA LYS A 160 -10.18 4.72 -11.78
C LYS A 160 -9.15 3.69 -11.37
N VAL A 161 -8.01 4.17 -10.86
CA VAL A 161 -6.94 3.28 -10.42
C VAL A 161 -7.37 2.62 -9.11
N ARG A 162 -7.15 1.31 -8.98
CA ARG A 162 -7.50 0.64 -7.74
C ARG A 162 -6.70 1.32 -6.63
N ARG A 163 -7.28 1.49 -5.46
CA ARG A 163 -6.56 2.13 -4.37
C ARG A 163 -7.06 1.66 -3.01
N PHE A 164 -6.24 1.87 -1.99
CA PHE A 164 -6.64 1.49 -0.64
C PHE A 164 -5.94 2.37 0.39
N LEU A 165 -6.58 2.51 1.54
CA LEU A 165 -6.01 3.29 2.64
C LEU A 165 -5.48 2.25 3.62
N THR A 166 -4.38 2.57 4.27
CA THR A 166 -3.80 1.64 5.24
C THR A 166 -2.91 2.37 6.23
N SER A 167 -2.76 1.80 7.43
CA SER A 167 -1.91 2.41 8.43
C SER A 167 -0.45 2.15 8.12
N SER A 168 -0.18 1.04 7.43
CA SER A 168 1.20 0.64 7.16
C SER A 168 1.93 0.70 8.50
N ALA A 169 1.20 0.34 9.54
CA ALA A 169 1.68 0.38 10.92
C ALA A 169 2.97 -0.38 11.25
N GLN A 170 3.86 0.30 11.97
CA GLN A 170 5.11 -0.29 12.42
C GLN A 170 5.07 -0.44 13.94
N GLU A 171 4.11 0.23 14.57
CA GLU A 171 3.92 0.17 16.01
C GLU A 171 2.43 0.00 16.29
N LYS A 172 2.11 -0.54 17.46
CA LYS A 172 0.74 -0.76 17.86
C LYS A 172 -0.09 0.53 17.77
N TRP A 173 0.52 1.64 18.17
CA TRP A 173 -0.18 2.93 18.15
C TRP A 173 -0.33 3.61 16.78
N ASP A 174 0.11 2.94 15.72
CA ASP A 174 -0.04 3.48 14.36
C ASP A 174 -1.29 2.91 13.73
N VAL A 175 -1.88 1.91 14.40
CA VAL A 175 -3.07 1.27 13.87
C VAL A 175 -4.31 2.14 14.07
N ARG A 176 -5.22 2.08 13.10
CA ARG A 176 -6.46 2.85 13.18
C ARG A 176 -7.68 2.01 12.82
N TYR A 177 -8.78 2.31 13.52
CA TYR A 177 -10.07 1.65 13.31
C TYR A 177 -10.61 2.12 11.96
N PRO A 178 -11.48 1.32 11.31
CA PRO A 178 -12.02 1.71 10.01
C PRO A 178 -12.55 3.15 10.00
N ARG A 179 -13.24 3.52 11.07
CA ARG A 179 -13.79 4.87 11.22
C ARG A 179 -12.75 5.95 10.98
N ASP A 180 -11.58 5.77 11.57
CA ASP A 180 -10.51 6.74 11.45
C ASP A 180 -9.72 6.65 10.15
N LEU A 181 -9.67 5.48 9.52
CA LEU A 181 -8.99 5.39 8.23
C LEU A 181 -9.91 6.10 7.24
N ILE A 182 -11.22 6.00 7.45
CA ILE A 182 -12.16 6.65 6.56
C ILE A 182 -11.93 8.16 6.65
N SER A 183 -11.74 8.67 7.86
CA SER A 183 -11.50 10.09 8.06
C SER A 183 -10.22 10.54 7.37
N LEU A 184 -9.23 9.65 7.30
CA LEU A 184 -7.99 9.96 6.61
C LEU A 184 -8.30 10.15 5.14
N GLY A 185 -9.13 9.26 4.60
CA GLY A 185 -9.51 9.34 3.20
C GLY A 185 -10.17 10.67 2.88
N VAL A 186 -11.06 11.12 3.75
CA VAL A 186 -11.75 12.40 3.55
C VAL A 186 -10.77 13.56 3.56
N VAL A 187 -9.83 13.53 4.50
CA VAL A 187 -8.82 14.57 4.61
C VAL A 187 -8.01 14.73 3.33
N ILE A 188 -7.68 13.62 2.67
CA ILE A 188 -6.90 13.70 1.44
C ILE A 188 -7.76 14.03 0.21
N GLY A 189 -9.07 14.18 0.42
CA GLY A 189 -9.95 14.53 -0.68
C GLY A 189 -11.05 13.55 -1.08
N MET A 190 -11.08 12.36 -0.48
CA MET A 190 -12.11 11.38 -0.83
C MET A 190 -13.47 11.71 -0.22
N GLU A 191 -14.53 11.30 -0.90
CA GLU A 191 -15.88 11.48 -0.35
C GLU A 191 -15.97 10.30 0.61
N ILE A 192 -16.91 10.33 1.54
CA ILE A 192 -17.03 9.23 2.50
C ILE A 192 -17.17 7.84 1.89
N PRO A 193 -18.04 7.66 0.87
CA PRO A 193 -18.21 6.34 0.24
C PRO A 193 -16.93 5.85 -0.43
N GLN A 194 -16.18 6.78 -1.03
CA GLN A 194 -14.93 6.44 -1.69
C GLN A 194 -13.92 5.98 -0.65
N ALA A 195 -13.89 6.65 0.50
CA ALA A 195 -12.96 6.28 1.57
C ALA A 195 -13.34 4.91 2.10
N LYS A 196 -14.64 4.66 2.24
CA LYS A 196 -15.14 3.38 2.73
C LYS A 196 -14.75 2.27 1.77
N ALA A 197 -14.90 2.52 0.46
CA ALA A 197 -14.58 1.53 -0.56
C ALA A 197 -13.08 1.23 -0.56
N SER A 198 -12.28 2.23 -0.21
CA SER A 198 -10.83 2.10 -0.17
C SER A 198 -10.35 1.16 0.94
N ILE A 199 -11.25 0.77 1.83
CA ILE A 199 -10.85 -0.17 2.88
C ILE A 199 -11.78 -1.37 2.96
N SER A 200 -12.51 -1.60 1.87
CA SER A 200 -13.42 -2.72 1.77
C SER A 200 -13.45 -3.28 0.36
N MET A 201 -14.23 -2.64 -0.51
CA MET A 201 -14.38 -3.08 -1.88
C MET A 201 -13.09 -3.22 -2.68
N TYR A 202 -12.23 -2.22 -2.65
CA TYR A 202 -10.98 -2.31 -3.41
C TYR A 202 -10.06 -3.38 -2.85
N PRO A 203 -9.90 -3.45 -1.52
CA PRO A 203 -9.01 -4.49 -1.01
C PRO A 203 -9.52 -5.86 -1.45
N GLU A 204 -10.84 -6.02 -1.53
CA GLU A 204 -11.44 -7.29 -1.95
C GLU A 204 -11.06 -7.60 -3.40
N ILE A 205 -11.13 -6.60 -4.26
CA ILE A 205 -10.78 -6.77 -5.67
C ILE A 205 -9.30 -7.12 -5.84
N ILE A 206 -8.44 -6.45 -5.06
CA ILE A 206 -7.01 -6.71 -5.13
C ILE A 206 -6.68 -8.13 -4.68
N LEU A 207 -7.35 -8.60 -3.63
CA LEU A 207 -7.14 -9.95 -3.11
C LEU A 207 -7.74 -10.99 -4.05
N LYS A 208 -8.63 -10.54 -4.93
CA LYS A 208 -9.33 -11.35 -5.92
C LYS A 208 -10.77 -11.64 -5.52
#